data_6CXR
#
_entry.id   6CXR
#
_entity_poly.entity_id   1
_entity_poly.type   'polypeptide(L)'
_entity_poly.pdbx_seq_one_letter_code
;HRFLRH(NH2)
;
_entity_poly.pdbx_strand_id   A
#
loop_
_chem_comp.id
_chem_comp.type
_chem_comp.name
_chem_comp.formula
NH2 non-polymer 'AMINO GROUP' 'H2 N'
#
# COMPACT_ATOMS: atom_id res chain seq x y z
N HIS A 1 0.55 7.12 -5.24
CA HIS A 1 0.92 6.09 -4.22
C HIS A 1 -0.20 5.08 -4.03
N ARG A 2 0.16 3.87 -3.61
CA ARG A 2 -0.81 2.81 -3.39
C ARG A 2 -0.17 1.62 -2.69
N PHE A 3 0.69 1.91 -1.71
CA PHE A 3 1.37 0.88 -0.97
C PHE A 3 0.49 0.34 0.16
N LEU A 4 -0.27 -0.71 -0.14
CA LEU A 4 -1.15 -1.31 0.85
C LEU A 4 -0.38 -2.11 1.87
N ARG A 5 -0.44 -1.70 3.13
CA ARG A 5 0.22 -2.43 4.17
C ARG A 5 -0.46 -3.78 4.31
N HIS A 6 0.06 -4.76 3.62
CA HIS A 6 -0.52 -6.09 3.62
C HIS A 6 0.34 -7.06 2.82
N HIS A 1 0.60 6.99 -5.12
CA HIS A 1 1.05 6.04 -4.09
C HIS A 1 -0.09 5.12 -3.63
N ARG A 2 0.11 3.82 -3.78
CA ARG A 2 -0.90 2.85 -3.38
C ARG A 2 -0.26 1.64 -2.72
N PHE A 3 0.63 1.88 -1.76
CA PHE A 3 1.32 0.83 -1.06
C PHE A 3 0.46 0.27 0.07
N LEU A 4 -0.32 -0.75 -0.23
CA LEU A 4 -1.19 -1.38 0.75
C LEU A 4 -0.40 -2.13 1.80
N ARG A 5 -0.45 -1.65 3.03
CA ARG A 5 0.24 -2.34 4.10
C ARG A 5 -0.43 -3.68 4.30
N HIS A 6 0.11 -4.70 3.64
CA HIS A 6 -0.47 -6.04 3.70
C HIS A 6 0.40 -7.02 2.93
N HIS A 1 0.52 7.40 -4.46
CA HIS A 1 0.97 5.98 -4.41
C HIS A 1 -0.17 5.05 -4.04
N ARG A 2 0.16 3.79 -3.78
CA ARG A 2 -0.85 2.80 -3.41
C ARG A 2 -0.20 1.59 -2.74
N PHE A 3 0.68 1.85 -1.78
CA PHE A 3 1.37 0.79 -1.08
C PHE A 3 0.51 0.24 0.06
N LEU A 4 -0.28 -0.79 -0.25
CA LEU A 4 -1.16 -1.40 0.73
C LEU A 4 -0.38 -2.15 1.79
N ARG A 5 -0.43 -1.66 3.02
CA ARG A 5 0.25 -2.33 4.10
C ARG A 5 -0.45 -3.66 4.34
N HIS A 6 0.07 -4.69 3.69
CA HIS A 6 -0.53 -6.02 3.77
C HIS A 6 0.33 -7.04 3.02
N HIS A 1 0.52 7.29 -4.85
CA HIS A 1 1.02 6.00 -4.30
C HIS A 1 -0.13 5.07 -3.93
N ARG A 2 0.17 3.79 -3.75
CA ARG A 2 -0.85 2.81 -3.40
C ARG A 2 -0.21 1.60 -2.72
N PHE A 3 0.67 1.85 -1.76
CA PHE A 3 1.34 0.79 -1.04
C PHE A 3 0.48 0.26 0.10
N LEU A 4 -0.32 -0.76 -0.20
CA LEU A 4 -1.20 -1.36 0.79
C LEU A 4 -0.41 -2.13 1.83
N ARG A 5 -0.44 -1.66 3.08
CA ARG A 5 0.23 -2.36 4.13
C ARG A 5 -0.43 -3.70 4.32
N HIS A 6 0.09 -4.71 3.65
CA HIS A 6 -0.49 -6.03 3.69
C HIS A 6 0.38 -7.03 2.91
N HIS A 1 0.98 6.51 -5.11
CA HIS A 1 0.75 6.24 -3.67
C HIS A 1 -0.33 5.19 -3.46
N ARG A 2 0.03 3.92 -3.63
CA ARG A 2 -0.92 2.83 -3.46
C ARG A 2 -0.24 1.62 -2.82
N PHE A 3 0.64 1.89 -1.86
CA PHE A 3 1.35 0.84 -1.16
C PHE A 3 0.50 0.25 -0.04
N LEU A 4 -0.26 -0.78 -0.36
CA LEU A 4 -1.12 -1.42 0.62
C LEU A 4 -0.33 -2.14 1.70
N ARG A 5 -0.41 -1.64 2.93
CA ARG A 5 0.27 -2.29 4.03
C ARG A 5 -0.42 -3.60 4.29
N HIS A 6 0.09 -4.66 3.68
CA HIS A 6 -0.51 -5.98 3.81
C HIS A 6 0.33 -7.02 3.07
N HIS A 1 0.47 7.14 -5.03
CA HIS A 1 0.85 6.15 -3.99
C HIS A 1 -0.25 5.11 -3.79
N ARG A 2 0.15 3.85 -3.65
CA ARG A 2 -0.80 2.76 -3.47
C ARG A 2 -0.14 1.58 -2.77
N PHE A 3 0.73 1.86 -1.81
CA PHE A 3 1.42 0.82 -1.08
C PHE A 3 0.55 0.27 0.05
N LEU A 4 -0.21 -0.77 -0.28
CA LEU A 4 -1.10 -1.40 0.70
C LEU A 4 -0.33 -2.15 1.76
N ARG A 5 -0.39 -1.66 2.99
CA ARG A 5 0.27 -2.35 4.08
C ARG A 5 -0.46 -3.65 4.32
N HIS A 6 0.03 -4.71 3.69
CA HIS A 6 -0.60 -6.02 3.79
C HIS A 6 0.21 -7.06 3.04
N HIS A 1 0.65 6.87 -5.12
CA HIS A 1 0.86 6.15 -3.84
C HIS A 1 -0.25 5.11 -3.61
N ARG A 2 0.12 3.84 -3.70
CA ARG A 2 -0.84 2.75 -3.50
C ARG A 2 -0.18 1.57 -2.80
N PHE A 3 0.68 1.87 -1.83
CA PHE A 3 1.37 0.84 -1.08
C PHE A 3 0.49 0.30 0.05
N LEU A 4 -0.28 -0.75 -0.25
CA LEU A 4 -1.15 -1.36 0.73
C LEU A 4 -0.38 -2.12 1.78
N ARG A 5 -0.39 -1.63 3.01
CA ARG A 5 0.29 -2.33 4.08
C ARG A 5 -0.42 -3.65 4.30
N HIS A 6 0.07 -4.69 3.65
CA HIS A 6 -0.54 -6.00 3.72
C HIS A 6 0.30 -7.02 2.96
N HIS A 1 0.45 7.40 -4.27
CA HIS A 1 0.94 6.00 -4.32
C HIS A 1 -0.19 5.01 -4.06
N ARG A 2 0.17 3.75 -3.79
CA ARG A 2 -0.81 2.71 -3.52
C ARG A 2 -0.17 1.52 -2.81
N PHE A 3 0.70 1.82 -1.84
CA PHE A 3 1.39 0.79 -1.10
C PHE A 3 0.52 0.27 0.04
N LEU A 4 -0.26 -0.77 -0.25
CA LEU A 4 -1.15 -1.36 0.75
C LEU A 4 -0.38 -2.12 1.81
N ARG A 5 -0.39 -1.62 3.04
CA ARG A 5 0.28 -2.31 4.11
C ARG A 5 -0.44 -3.64 4.33
N HIS A 6 0.06 -4.67 3.68
CA HIS A 6 -0.56 -5.99 3.76
C HIS A 6 0.27 -7.02 3.00
N HIS A 1 0.80 6.43 -5.22
CA HIS A 1 1.52 5.39 -4.44
C HIS A 1 0.64 4.17 -4.20
N ARG A 2 -0.35 4.31 -3.32
CA ARG A 2 -1.26 3.23 -3.01
C ARG A 2 -0.51 2.03 -2.44
N PHE A 3 0.32 2.28 -1.43
CA PHE A 3 1.09 1.23 -0.80
C PHE A 3 0.27 0.49 0.24
N LEU A 4 -0.39 -0.57 -0.19
CA LEU A 4 -1.22 -1.38 0.69
C LEU A 4 -0.41 -2.10 1.74
N ARG A 5 -0.59 -1.73 3.00
CA ARG A 5 0.11 -2.39 4.07
C ARG A 5 -0.43 -3.81 4.18
N HIS A 6 0.24 -4.74 3.50
CA HIS A 6 -0.20 -6.11 3.48
C HIS A 6 0.78 -6.98 2.68
N HIS A 1 0.48 7.13 -5.01
CA HIS A 1 0.83 6.15 -3.96
C HIS A 1 -0.26 5.10 -3.80
N ARG A 2 0.15 3.85 -3.65
CA ARG A 2 -0.80 2.75 -3.48
C ARG A 2 -0.14 1.57 -2.79
N PHE A 3 0.72 1.86 -1.82
CA PHE A 3 1.42 0.84 -1.08
C PHE A 3 0.54 0.27 0.04
N LEU A 4 -0.21 -0.77 -0.28
CA LEU A 4 -1.09 -1.40 0.69
C LEU A 4 -0.33 -2.16 1.76
N ARG A 5 -0.38 -1.66 2.99
CA ARG A 5 0.28 -2.34 4.07
C ARG A 5 -0.46 -3.65 4.32
N HIS A 6 0.03 -4.71 3.69
CA HIS A 6 -0.60 -6.01 3.80
C HIS A 6 0.20 -7.07 3.04
N HIS A 1 1.03 6.21 -5.14
CA HIS A 1 1.07 6.04 -3.67
C HIS A 1 -0.03 5.10 -3.19
N ARG A 2 -0.05 3.90 -3.75
CA ARG A 2 -1.06 2.91 -3.39
C ARG A 2 -0.41 1.67 -2.77
N PHE A 3 0.53 1.90 -1.85
CA PHE A 3 1.22 0.81 -1.20
C PHE A 3 0.41 0.26 -0.03
N LEU A 4 -0.42 -0.74 -0.31
CA LEU A 4 -1.26 -1.34 0.70
C LEU A 4 -0.44 -2.07 1.75
N ARG A 5 -0.50 -1.59 2.98
CA ARG A 5 0.21 -2.24 4.06
C ARG A 5 -0.39 -3.62 4.25
N HIS A 6 0.20 -4.60 3.59
CA HIS A 6 -0.32 -5.96 3.65
C HIS A 6 0.59 -6.91 2.87
N HIS A 1 0.85 6.76 -5.28
CA HIS A 1 0.74 6.27 -3.88
C HIS A 1 -0.35 5.20 -3.76
N ARG A 2 0.07 3.95 -3.54
CA ARG A 2 -0.86 2.85 -3.39
C ARG A 2 -0.18 1.65 -2.74
N PHE A 3 0.66 1.91 -1.76
CA PHE A 3 1.38 0.87 -1.06
C PHE A 3 0.51 0.26 0.04
N LEU A 4 -0.22 -0.79 -0.31
CA LEU A 4 -1.10 -1.46 0.64
C LEU A 4 -0.31 -2.19 1.72
N ARG A 5 -0.39 -1.69 2.94
CA ARG A 5 0.27 -2.35 4.04
C ARG A 5 -0.44 -3.66 4.31
N HIS A 6 0.05 -4.72 3.69
CA HIS A 6 -0.56 -6.04 3.82
C HIS A 6 0.28 -7.09 3.10
N HIS A 1 0.90 6.40 -5.16
CA HIS A 1 1.48 5.51 -4.12
C HIS A 1 0.69 4.21 -4.02
N ARG A 2 -0.46 4.26 -3.36
CA ARG A 2 -1.30 3.07 -3.20
C ARG A 2 -0.52 1.92 -2.56
N PHE A 3 0.28 2.23 -1.56
CA PHE A 3 1.08 1.24 -0.88
C PHE A 3 0.25 0.51 0.19
N LEU A 4 -0.38 -0.59 -0.22
CA LEU A 4 -1.21 -1.37 0.69
C LEU A 4 -0.39 -2.09 1.73
N ARG A 5 -0.53 -1.69 3.00
CA ARG A 5 0.18 -2.35 4.05
C ARG A 5 -0.39 -3.76 4.20
N HIS A 6 0.24 -4.71 3.52
CA HIS A 6 -0.23 -6.08 3.52
C HIS A 6 0.72 -6.97 2.74
N HIS A 1 0.82 6.42 -5.19
CA HIS A 1 1.55 5.32 -4.50
C HIS A 1 0.62 4.13 -4.24
N ARG A 2 -0.31 4.31 -3.30
CA ARG A 2 -1.25 3.25 -2.97
C ARG A 2 -0.53 2.02 -2.41
N PHE A 3 0.34 2.24 -1.43
CA PHE A 3 1.09 1.17 -0.82
C PHE A 3 0.26 0.46 0.26
N LEU A 4 -0.46 -0.57 -0.16
CA LEU A 4 -1.30 -1.33 0.76
C LEU A 4 -0.48 -2.08 1.80
N ARG A 5 -0.62 -1.71 3.06
CA ARG A 5 0.09 -2.39 4.10
C ARG A 5 -0.43 -3.82 4.17
N HIS A 6 0.27 -4.70 3.45
CA HIS A 6 -0.14 -6.09 3.38
C HIS A 6 0.87 -6.91 2.58
N HIS A 1 1.03 6.24 -4.83
CA HIS A 1 0.79 6.09 -3.36
C HIS A 1 -0.21 4.98 -3.07
N ARG A 2 -0.10 3.88 -3.81
CA ARG A 2 -1.00 2.75 -3.62
C ARG A 2 -0.28 1.59 -2.93
N PHE A 3 0.56 1.93 -1.96
CA PHE A 3 1.31 0.94 -1.22
C PHE A 3 0.46 0.35 -0.10
N LEU A 4 -0.25 -0.73 -0.40
CA LEU A 4 -1.11 -1.38 0.57
C LEU A 4 -0.31 -2.09 1.64
N ARG A 5 -0.36 -1.58 2.87
CA ARG A 5 0.32 -2.21 3.96
C ARG A 5 -0.38 -3.52 4.26
N HIS A 6 0.10 -4.59 3.65
CA HIS A 6 -0.50 -5.90 3.80
C HIS A 6 0.32 -6.97 3.09
N HIS A 1 0.40 7.28 -4.80
CA HIS A 1 0.95 6.03 -4.21
C HIS A 1 -0.16 5.08 -3.78
N ARG A 2 0.14 3.78 -3.82
CA ARG A 2 -0.84 2.77 -3.44
C ARG A 2 -0.16 1.59 -2.75
N PHE A 3 0.69 1.89 -1.77
CA PHE A 3 1.39 0.86 -1.04
C PHE A 3 0.52 0.28 0.07
N LEU A 4 -0.23 -0.77 -0.27
CA LEU A 4 -1.12 -1.40 0.69
C LEU A 4 -0.35 -2.16 1.76
N ARG A 5 -0.39 -1.67 2.99
CA ARG A 5 0.27 -2.35 4.08
C ARG A 5 -0.45 -3.67 4.32
N HIS A 6 0.04 -4.71 3.69
CA HIS A 6 -0.58 -6.02 3.78
C HIS A 6 0.25 -7.07 3.04
N HIS A 1 0.86 6.45 -5.15
CA HIS A 1 1.48 5.51 -4.18
C HIS A 1 0.66 4.23 -4.05
N ARG A 2 -0.43 4.30 -3.31
CA ARG A 2 -1.30 3.14 -3.11
C ARG A 2 -0.52 1.96 -2.52
N PHE A 3 0.29 2.24 -1.52
CA PHE A 3 1.09 1.21 -0.88
C PHE A 3 0.27 0.45 0.16
N LEU A 4 -0.37 -0.63 -0.28
CA LEU A 4 -1.19 -1.44 0.61
C LEU A 4 -0.37 -2.12 1.68
N ARG A 5 -0.54 -1.70 2.93
CA ARG A 5 0.18 -2.34 4.01
C ARG A 5 -0.40 -3.74 4.19
N HIS A 6 0.23 -4.70 3.54
CA HIS A 6 -0.25 -6.07 3.58
C HIS A 6 0.72 -7.00 2.85
N HIS A 1 0.81 6.39 -5.26
CA HIS A 1 1.50 5.43 -4.38
C HIS A 1 0.68 4.15 -4.17
N ARG A 2 -0.38 4.27 -3.38
CA ARG A 2 -1.26 3.13 -3.11
C ARG A 2 -0.48 1.99 -2.47
N PHE A 3 0.28 2.30 -1.43
CA PHE A 3 1.07 1.30 -0.73
C PHE A 3 0.22 0.56 0.30
N LEU A 4 -0.38 -0.54 -0.14
CA LEU A 4 -1.22 -1.34 0.74
C LEU A 4 -0.41 -2.10 1.77
N ARG A 5 -0.54 -1.71 3.04
CA ARG A 5 0.18 -2.42 4.08
C ARG A 5 -0.39 -3.82 4.18
N HIS A 6 0.23 -4.75 3.46
CA HIS A 6 -0.24 -6.11 3.42
C HIS A 6 0.74 -6.98 2.63
N HIS A 1 0.55 7.20 -5.07
CA HIS A 1 0.91 6.14 -4.10
C HIS A 1 -0.22 5.13 -3.93
N ARG A 2 0.14 3.92 -3.53
CA ARG A 2 -0.84 2.85 -3.33
C ARG A 2 -0.19 1.62 -2.71
N PHE A 3 0.70 1.84 -1.75
CA PHE A 3 1.39 0.76 -1.09
C PHE A 3 0.53 0.17 0.03
N LEU A 4 -0.27 -0.83 -0.32
CA LEU A 4 -1.15 -1.48 0.64
C LEU A 4 -0.36 -2.19 1.73
N ARG A 5 -0.42 -1.68 2.95
CA ARG A 5 0.25 -2.32 4.05
C ARG A 5 -0.45 -3.64 4.32
N HIS A 6 0.07 -4.69 3.70
CA HIS A 6 -0.54 -6.02 3.82
C HIS A 6 0.30 -7.05 3.09
N HIS A 1 0.69 6.56 -5.09
CA HIS A 1 1.47 5.49 -4.42
C HIS A 1 0.64 4.23 -4.24
N ARG A 2 -0.35 4.29 -3.36
CA ARG A 2 -1.23 3.16 -3.09
C ARG A 2 -0.45 1.99 -2.49
N PHE A 3 0.32 2.27 -1.45
CA PHE A 3 1.12 1.26 -0.78
C PHE A 3 0.28 0.49 0.23
N LEU A 4 -0.34 -0.61 -0.23
CA LEU A 4 -1.17 -1.43 0.64
C LEU A 4 -0.36 -2.14 1.71
N ARG A 5 -0.51 -1.74 2.96
CA ARG A 5 0.17 -2.39 4.03
C ARG A 5 -0.42 -3.78 4.20
N HIS A 6 0.19 -4.75 3.55
CA HIS A 6 -0.30 -6.11 3.56
C HIS A 6 0.65 -7.04 2.83
#